data_5E08
#
_entry.id   5E08
#
_cell.length_a   199.515
_cell.length_b   63.401
_cell.length_c   57.061
_cell.angle_alpha   90.00
_cell.angle_beta   97.51
_cell.angle_gamma   90.00
#
_symmetry.space_group_name_H-M   'C 1 2 1'
#
loop_
_entity.id
_entity.type
_entity.pdbx_description
1 polymer 'Fab Heavy Chain'
2 polymer 'Fab Light Chain'
3 polymer RNA
4 water water
#
loop_
_entity_poly.entity_id
_entity_poly.type
_entity_poly.pdbx_seq_one_letter_code
_entity_poly.pdbx_strand_id
1 'polypeptide(L)'
;EVQLVESGGGLVQPGGSLRLSCAASGFSISSSYIHWVRQAPGKGLEWVAYIYPYYGSTYYADSVKGRFTISADTSKNTAY
LQMNSLRAEDTAVYYCARYYSSGGSYYRYSRGFDYWGQGTLVTVSSASTKGPSVFPLAPSSKSTSGGTAALGCLVKDYFP
EPVTVSWNSGALTSGVHTFPAVLQSSGLYSLSSVVTVPSSSLGTQTYICNVNHKPSNTKVDKKVEPKSCDKTH
;
H
2 'polypeptide(L)'
;SDIQMTQSPSSLSASVGDRVTITCRASQSVSSAVAWYQQKPGKAPKLLIYSASSLYSGVPSRFSGSRSGTDFTLTISSLQ
PEDFATYYCQQSYSYPYTFGQGTKVEIKRTVAAPSVFIFPPSDSQLKSGTASVVCLLNNFYPREAKVQWKVDNALQSGNS
QESVTEQDSKDSTYSLSSTLTLSKADYEKHKVYACEVTHQGLSSPVTKSFNRGEC
;
L
3 'polyribonucleotide' GUAUGCAUAGGC N
#
loop_
_chem_comp.id
_chem_comp.type
_chem_comp.name
_chem_comp.formula
A RNA linking ADENOSINE-5'-MONOPHOSPHATE 'C10 H14 N5 O7 P'
C RNA linking CYTIDINE-5'-MONOPHOSPHATE 'C9 H14 N3 O8 P'
G RNA linking GUANOSINE-5'-MONOPHOSPHATE 'C10 H14 N5 O8 P'
U RNA linking URIDINE-5'-MONOPHOSPHATE 'C9 H13 N2 O9 P'
#
# COMPACT_ATOMS: atom_id res chain seq x y z
N GLU A 1 -15.15 -12.57 15.35
CA GLU A 1 -14.81 -13.95 15.03
C GLU A 1 -15.23 -14.33 13.62
N VAL A 2 -16.01 -13.45 12.98
CA VAL A 2 -16.29 -13.61 11.56
C VAL A 2 -15.06 -13.16 10.78
N GLN A 3 -14.52 -14.05 9.94
CA GLN A 3 -13.40 -13.69 9.09
C GLN A 3 -13.35 -14.40 7.73
N LEU A 4 -12.75 -13.73 6.76
CA LEU A 4 -12.45 -14.29 5.44
C LEU A 4 -10.96 -14.18 5.13
N VAL A 5 -10.38 -15.28 4.64
CA VAL A 5 -8.95 -15.33 4.32
C VAL A 5 -8.71 -15.77 2.87
N GLU A 6 -8.00 -14.93 2.10
CA GLU A 6 -7.63 -15.27 0.73
C GLU A 6 -6.35 -16.10 0.68
N SER A 7 -6.30 -17.00 -0.31
CA SER A 7 -5.10 -17.78 -0.61
C SER A 7 -4.98 -18.06 -2.10
N GLY A 8 -3.79 -18.45 -2.53
CA GLY A 8 -3.58 -18.92 -3.89
C GLY A 8 -3.06 -17.87 -4.85
N GLY A 9 -2.78 -16.67 -4.34
CA GLY A 9 -2.24 -15.63 -5.18
C GLY A 9 -0.79 -15.93 -5.49
N GLY A 10 -0.22 -15.21 -6.47
CA GLY A 10 1.18 -15.35 -6.77
C GLY A 10 1.46 -15.08 -8.23
N LEU A 11 2.67 -15.40 -8.66
CA LEU A 11 3.10 -15.18 -10.04
C LEU A 11 2.50 -16.22 -10.98
N VAL A 12 1.98 -15.74 -12.10
CA VAL A 12 1.41 -16.63 -13.10
C VAL A 12 1.68 -16.01 -14.45
N GLN A 13 1.94 -16.85 -15.44
CA GLN A 13 2.32 -16.42 -16.78
C GLN A 13 1.05 -16.07 -17.56
N PRO A 14 1.18 -15.16 -18.55
CA PRO A 14 0.02 -14.80 -19.40
C PRO A 14 -0.58 -16.04 -20.04
N GLY A 15 -1.92 -16.16 -20.02
CA GLY A 15 -2.58 -17.30 -20.65
C GLY A 15 -2.74 -18.47 -19.70
N GLY A 16 -2.01 -18.45 -18.59
CA GLY A 16 -2.11 -19.49 -17.58
C GLY A 16 -3.35 -19.34 -16.73
N SER A 17 -3.47 -20.20 -15.73
CA SER A 17 -4.67 -20.21 -14.91
C SER A 17 -4.31 -20.27 -13.44
N LEU A 18 -5.22 -19.79 -12.60
CA LEU A 18 -4.96 -19.67 -11.18
C LEU A 18 -6.26 -19.94 -10.42
N ARG A 19 -6.14 -20.47 -9.20
CA ARG A 19 -7.30 -20.73 -8.36
C ARG A 19 -7.11 -20.10 -6.98
N LEU A 20 -7.90 -19.05 -6.73
CA LEU A 20 -7.88 -18.37 -5.43
C LEU A 20 -8.90 -18.99 -4.50
N SER A 21 -8.54 -19.09 -3.23
CA SER A 21 -9.49 -19.58 -2.23
C SER A 21 -9.86 -18.48 -1.23
N CYS A 22 -11.15 -18.40 -0.90
CA CYS A 22 -11.63 -17.52 0.16
C CYS A 22 -12.17 -18.36 1.29
N ALA A 23 -11.44 -18.46 2.40
CA ALA A 23 -11.87 -19.38 3.46
C ALA A 23 -12.57 -18.65 4.59
N ALA A 24 -13.78 -19.10 4.89
CA ALA A 24 -14.63 -18.45 5.88
C ALA A 24 -14.59 -19.11 7.26
N SER A 25 -14.53 -18.29 8.30
CA SER A 25 -14.68 -18.75 9.68
C SER A 25 -15.72 -17.95 10.45
N GLY A 26 -16.33 -18.57 11.46
CA GLY A 26 -17.27 -17.92 12.33
C GLY A 26 -18.61 -17.70 11.64
N PHE A 27 -18.74 -18.20 10.42
CA PHE A 27 -20.04 -18.30 9.76
C PHE A 27 -20.00 -19.33 8.63
N SER A 28 -21.17 -19.81 8.24
CA SER A 28 -21.34 -20.64 7.04
C SER A 28 -21.50 -19.78 5.79
N ILE A 29 -20.81 -20.16 4.70
CA ILE A 29 -20.92 -19.41 3.46
C ILE A 29 -22.33 -19.39 2.88
N SER A 30 -23.16 -20.36 3.26
CA SER A 30 -24.53 -20.43 2.73
C SER A 30 -25.39 -19.28 3.24
N SER A 31 -25.00 -18.70 4.36
CA SER A 31 -25.74 -17.59 4.96
C SER A 31 -25.37 -16.23 4.37
N SER A 32 -24.42 -16.20 3.45
CA SER A 32 -23.88 -14.92 2.98
C SER A 32 -23.73 -14.83 1.47
N TYR A 33 -23.68 -13.60 0.97
CA TYR A 33 -23.35 -13.35 -0.42
C TYR A 33 -21.86 -13.07 -0.52
N ILE A 34 -21.14 -13.96 -1.20
CA ILE A 34 -19.67 -13.87 -1.26
C ILE A 34 -19.24 -13.21 -2.55
N HIS A 35 -18.52 -12.09 -2.41
CA HIS A 35 -18.08 -11.32 -3.57
C HIS A 35 -16.57 -11.33 -3.75
N TRP A 36 -16.13 -11.08 -4.97
CA TRP A 36 -14.72 -10.83 -5.26
C TRP A 36 -14.54 -9.42 -5.79
N VAL A 37 -13.59 -8.70 -5.21
CA VAL A 37 -13.29 -7.33 -5.62
C VAL A 37 -11.79 -7.23 -5.81
N ARG A 38 -11.36 -6.60 -6.90
CA ARG A 38 -9.94 -6.54 -7.21
C ARG A 38 -9.49 -5.10 -7.42
N GLN A 39 -8.23 -4.85 -7.11
CA GLN A 39 -7.67 -3.52 -7.25
C GLN A 39 -6.30 -3.59 -7.90
N ALA A 40 -6.19 -3.04 -9.10
CA ALA A 40 -4.93 -3.08 -9.83
C ALA A 40 -4.05 -2.02 -9.19
N PRO A 41 -2.72 -2.12 -9.38
CA PRO A 41 -1.81 -1.19 -8.70
C PRO A 41 -2.14 0.27 -8.97
N GLY A 42 -2.28 1.04 -7.89
CA GLY A 42 -2.71 2.42 -7.94
C GLY A 42 -4.02 2.68 -8.68
N LYS A 43 -4.95 1.73 -8.57
CA LYS A 43 -6.23 1.83 -9.25
C LYS A 43 -7.37 1.73 -8.24
N GLY A 44 -8.57 2.12 -8.67
CA GLY A 44 -9.74 2.05 -7.81
C GLY A 44 -10.18 0.60 -7.62
N LEU A 45 -11.24 0.41 -6.84
CA LEU A 45 -11.80 -0.92 -6.66
C LEU A 45 -12.60 -1.31 -7.89
N GLU A 46 -12.58 -2.59 -8.23
CA GLU A 46 -13.40 -3.12 -9.32
C GLU A 46 -14.15 -4.34 -8.83
N TRP A 47 -15.48 -4.28 -8.89
CA TRP A 47 -16.29 -5.46 -8.63
C TRP A 47 -16.16 -6.44 -9.79
N VAL A 48 -15.83 -7.70 -9.49
CA VAL A 48 -15.69 -8.73 -10.53
C VAL A 48 -16.78 -9.82 -10.55
N ALA A 49 -16.97 -10.53 -9.44
CA ALA A 49 -17.99 -11.57 -9.38
C ALA A 49 -18.59 -11.78 -7.98
N TYR A 50 -19.63 -12.61 -7.92
CA TYR A 50 -20.19 -13.06 -6.64
C TYR A 50 -20.87 -14.43 -6.78
N ILE A 51 -20.94 -15.16 -5.68
CA ILE A 51 -21.81 -16.33 -5.58
C ILE A 51 -22.71 -16.22 -4.34
N TYR A 52 -23.97 -16.63 -4.47
CA TYR A 52 -24.77 -16.89 -3.27
C TYR A 52 -24.92 -18.40 -3.16
N PRO A 53 -24.19 -19.00 -2.22
CA PRO A 53 -24.13 -20.47 -2.12
C PRO A 53 -25.47 -21.17 -1.89
N TYR A 54 -26.40 -20.55 -1.16
CA TYR A 54 -27.69 -21.19 -0.94
C TYR A 54 -28.47 -21.39 -2.24
N TYR A 55 -28.58 -20.33 -3.03
CA TYR A 55 -29.26 -20.40 -4.32
C TYR A 55 -28.33 -21.00 -5.38
N GLY A 56 -27.07 -20.61 -5.32
CA GLY A 56 -26.11 -20.94 -6.36
C GLY A 56 -26.06 -19.92 -7.47
N SER A 57 -26.63 -18.74 -7.23
CA SER A 57 -26.67 -17.70 -8.25
C SER A 57 -25.33 -16.97 -8.30
N THR A 58 -24.98 -16.51 -9.50
CA THR A 58 -23.66 -15.93 -9.75
C THR A 58 -23.81 -14.83 -10.78
N TYR A 59 -22.82 -13.94 -10.83
CA TYR A 59 -22.74 -12.95 -11.89
C TYR A 59 -21.27 -12.58 -12.05
N TYR A 60 -20.87 -12.27 -13.28
CA TYR A 60 -19.48 -11.92 -13.55
C TYR A 60 -19.43 -10.59 -14.29
N ALA A 61 -18.55 -9.71 -13.86
CA ALA A 61 -18.29 -8.48 -14.60
C ALA A 61 -17.73 -8.85 -15.98
N ASP A 62 -18.07 -8.02 -16.98
CA ASP A 62 -17.61 -8.22 -18.35
C ASP A 62 -16.10 -8.44 -18.47
N SER A 63 -15.33 -7.60 -17.78
CA SER A 63 -13.88 -7.70 -17.81
C SER A 63 -13.33 -9.11 -17.53
N VAL A 64 -13.94 -9.82 -16.59
CA VAL A 64 -13.61 -11.22 -16.33
C VAL A 64 -14.54 -12.30 -16.90
N LYS A 65 -15.61 -11.92 -17.58
CA LYS A 65 -16.64 -12.88 -17.95
C LYS A 65 -16.20 -13.87 -19.03
N GLY A 66 -16.41 -15.15 -18.75
CA GLY A 66 -15.98 -16.23 -19.62
C GLY A 66 -14.58 -16.75 -19.37
N ARG A 67 -13.73 -15.92 -18.79
CA ARG A 67 -12.43 -16.39 -18.29
C ARG A 67 -12.40 -16.79 -16.81
N PHE A 68 -13.38 -16.33 -16.05
CA PHE A 68 -13.41 -16.54 -14.59
C PHE A 68 -14.75 -17.17 -14.19
N THR A 69 -14.71 -18.22 -13.37
CA THR A 69 -15.94 -18.67 -12.73
C THR A 69 -15.70 -18.83 -11.23
N ILE A 70 -16.78 -18.78 -10.46
CA ILE A 70 -16.66 -18.91 -9.01
C ILE A 70 -17.40 -20.16 -8.53
N SER A 71 -16.86 -20.82 -7.51
CA SER A 71 -17.51 -22.01 -6.96
C SER A 71 -17.53 -22.05 -5.43
N ALA A 72 -18.54 -22.72 -4.88
CA ALA A 72 -18.67 -22.85 -3.43
C ALA A 72 -18.41 -24.29 -2.97
N ASP A 73 -17.61 -24.44 -1.92
CA ASP A 73 -17.41 -25.75 -1.31
C ASP A 73 -17.85 -25.67 0.15
N THR A 74 -19.00 -26.25 0.46
CA THR A 74 -19.63 -26.07 1.77
C THR A 74 -18.91 -26.96 2.78
N SER A 75 -18.34 -28.04 2.27
CA SER A 75 -17.57 -28.99 3.07
C SER A 75 -16.33 -28.32 3.63
N LYS A 76 -15.70 -27.47 2.82
CA LYS A 76 -14.50 -26.75 3.25
C LYS A 76 -14.88 -25.35 3.71
N ASN A 77 -16.18 -25.03 3.61
CA ASN A 77 -16.70 -23.71 3.94
C ASN A 77 -15.81 -22.65 3.27
N THR A 78 -15.54 -22.88 1.98
CA THR A 78 -14.67 -22.00 1.21
C THR A 78 -15.25 -21.72 -0.18
N ALA A 79 -15.03 -20.51 -0.68
CA ALA A 79 -15.35 -20.17 -2.06
C ALA A 79 -14.06 -20.10 -2.87
N TYR A 80 -14.14 -20.51 -4.14
CA TYR A 80 -12.98 -20.56 -5.01
C TYR A 80 -13.18 -19.70 -6.23
N LEU A 81 -12.14 -18.96 -6.62
CA LEU A 81 -12.20 -18.20 -7.86
C LEU A 81 -11.25 -18.82 -8.86
N GLN A 82 -11.83 -19.41 -9.89
CA GLN A 82 -11.08 -20.08 -10.95
C GLN A 82 -10.85 -19.08 -12.07
N MET A 83 -9.59 -18.70 -12.26
CA MET A 83 -9.24 -17.67 -13.23
C MET A 83 -8.47 -18.33 -14.35
N ASN A 84 -8.95 -18.18 -15.58
CA ASN A 84 -8.30 -18.77 -16.73
C ASN A 84 -7.96 -17.70 -17.75
N SER A 85 -7.07 -18.04 -18.68
CA SER A 85 -6.66 -17.11 -19.75
C SER A 85 -6.21 -15.78 -19.19
N LEU A 86 -5.42 -15.82 -18.12
CA LEU A 86 -5.01 -14.60 -17.43
C LEU A 86 -4.25 -13.64 -18.31
N ARG A 87 -4.47 -12.36 -18.06
CA ARG A 87 -3.88 -11.30 -18.86
C ARG A 87 -3.07 -10.40 -17.94
N ALA A 88 -2.23 -9.55 -18.52
CA ALA A 88 -1.41 -8.64 -17.74
C ALA A 88 -2.28 -7.68 -16.92
N GLU A 89 -3.43 -7.34 -17.46
CA GLU A 89 -4.34 -6.40 -16.79
C GLU A 89 -5.03 -7.05 -15.61
N ASP A 90 -4.93 -8.37 -15.51
CA ASP A 90 -5.55 -9.10 -14.41
C ASP A 90 -4.68 -9.01 -13.18
N THR A 91 -3.51 -8.39 -13.33
CA THR A 91 -2.60 -8.21 -12.22
C THR A 91 -3.20 -7.21 -11.22
N ALA A 92 -3.35 -7.64 -9.98
CA ALA A 92 -4.08 -6.88 -8.97
C ALA A 92 -4.09 -7.61 -7.63
N VAL A 93 -4.49 -6.87 -6.59
CA VAL A 93 -4.87 -7.49 -5.32
C VAL A 93 -6.33 -7.94 -5.40
N TYR A 94 -6.62 -9.12 -4.88
CA TYR A 94 -7.93 -9.73 -5.05
C TYR A 94 -8.54 -9.98 -3.67
N TYR A 95 -9.62 -9.27 -3.38
CA TYR A 95 -10.28 -9.35 -2.09
C TYR A 95 -11.54 -10.19 -2.25
N CYS A 96 -11.78 -11.07 -1.29
CA CYS A 96 -13.12 -11.60 -1.11
C CYS A 96 -13.84 -10.82 -0.01
N ALA A 97 -15.13 -10.59 -0.24
CA ALA A 97 -15.95 -9.93 0.77
C ALA A 97 -17.31 -10.59 0.80
N ARG A 98 -18.09 -10.25 1.81
CA ARG A 98 -19.41 -10.81 1.98
C ARG A 98 -20.44 -9.73 2.28
N TYR A 99 -21.72 -10.06 2.10
CA TYR A 99 -22.73 -9.37 2.89
C TYR A 99 -23.66 -10.44 3.43
N TYR A 100 -24.17 -10.22 4.64
CA TYR A 100 -24.97 -11.26 5.26
C TYR A 100 -26.35 -11.30 4.63
N SER A 101 -26.91 -12.48 4.48
CA SER A 101 -28.20 -12.58 3.80
C SER A 101 -29.25 -12.44 4.88
N SER A 102 -29.89 -11.28 4.89
CA SER A 102 -30.73 -10.88 6.00
C SER A 102 -32.04 -10.43 5.38
N GLY A 103 -33.10 -10.42 6.19
CA GLY A 103 -34.39 -9.94 5.71
C GLY A 103 -34.15 -8.62 5.00
N GLY A 104 -33.38 -7.76 5.68
CA GLY A 104 -33.03 -6.47 5.14
C GLY A 104 -32.23 -6.49 3.85
N SER A 105 -31.37 -7.49 3.66
CA SER A 105 -30.61 -7.57 2.40
C SER A 105 -31.50 -7.87 1.19
N TYR A 106 -32.61 -8.57 1.46
CA TYR A 106 -33.54 -8.98 0.41
C TYR A 106 -34.61 -7.93 0.14
N TYR A 107 -35.43 -7.64 1.15
CA TYR A 107 -36.58 -6.75 0.98
C TYR A 107 -36.14 -5.29 0.99
N ARG A 108 -35.02 -5.03 1.63
CA ARG A 108 -34.50 -3.69 1.75
C ARG A 108 -33.08 -3.69 1.21
N TYR A 109 -32.36 -2.60 1.44
CA TYR A 109 -31.06 -2.38 0.84
C TYR A 109 -29.74 -2.74 1.54
N SER A 110 -29.74 -3.57 2.57
CA SER A 110 -28.49 -3.67 3.32
C SER A 110 -27.65 -4.71 2.60
N ARG A 111 -26.88 -4.23 1.63
CA ARG A 111 -25.92 -5.02 0.87
C ARG A 111 -24.44 -4.71 1.07
N GLY A 112 -24.14 -3.71 1.88
CA GLY A 112 -22.78 -3.20 1.96
C GLY A 112 -21.91 -4.34 2.44
N PHE A 113 -20.63 -4.35 2.06
CA PHE A 113 -19.85 -5.53 2.36
C PHE A 113 -19.23 -5.32 3.73
N ASP A 114 -19.73 -6.08 4.71
CA ASP A 114 -19.35 -5.88 6.10
C ASP A 114 -18.02 -6.53 6.48
N TYR A 115 -17.70 -7.66 5.85
CA TYR A 115 -16.43 -8.34 6.13
C TYR A 115 -15.63 -8.64 4.88
N TRP A 116 -14.36 -8.26 4.94
CA TRP A 116 -13.44 -8.42 3.82
C TRP A 116 -12.30 -9.32 4.23
N GLY A 117 -11.63 -9.89 3.23
CA GLY A 117 -10.39 -10.61 3.49
C GLY A 117 -9.26 -9.60 3.48
N GLN A 118 -8.05 -10.05 3.75
CA GLN A 118 -6.91 -9.13 3.75
C GLN A 118 -6.42 -8.81 2.35
N GLY A 119 -6.76 -9.67 1.39
CA GLY A 119 -6.27 -9.54 0.04
C GLY A 119 -5.19 -10.54 -0.31
N THR A 120 -5.04 -10.82 -1.59
CA THR A 120 -3.92 -11.62 -2.09
C THR A 120 -3.47 -11.08 -3.45
N LEU A 121 -2.17 -10.96 -3.63
CA LEU A 121 -1.63 -10.37 -4.84
C LEU A 121 -1.48 -11.40 -5.96
N VAL A 122 -1.99 -11.05 -7.13
CA VAL A 122 -1.87 -11.89 -8.30
C VAL A 122 -1.08 -11.13 -9.36
N THR A 123 0.11 -11.62 -9.67
CA THR A 123 0.99 -11.00 -10.66
C THR A 123 1.05 -11.83 -11.94
N VAL A 124 0.60 -11.24 -13.04
CA VAL A 124 0.60 -11.96 -14.30
C VAL A 124 1.78 -11.44 -15.13
N SER A 125 2.81 -12.27 -15.23
CA SER A 125 4.07 -11.88 -15.87
C SER A 125 4.83 -13.07 -16.41
N SER A 126 5.62 -12.84 -17.44
CA SER A 126 6.53 -13.85 -17.98
C SER A 126 7.79 -13.99 -17.12
N ALA A 127 8.11 -12.95 -16.38
CA ALA A 127 9.36 -12.87 -15.64
C ALA A 127 9.45 -13.94 -14.54
N SER A 128 10.66 -14.21 -14.08
CA SER A 128 10.93 -15.34 -13.20
C SER A 128 11.08 -14.93 -11.75
N THR A 129 10.63 -15.81 -10.84
CA THR A 129 10.74 -15.56 -9.41
C THR A 129 12.19 -15.35 -9.02
N LYS A 130 12.46 -14.27 -8.31
CA LYS A 130 13.80 -14.08 -7.77
C LYS A 130 13.83 -13.44 -6.37
N GLY A 131 14.60 -14.04 -5.47
CA GLY A 131 14.72 -13.54 -4.11
C GLY A 131 15.57 -12.29 -3.96
N PRO A 132 15.35 -11.55 -2.88
CA PRO A 132 16.09 -10.32 -2.59
C PRO A 132 17.49 -10.56 -2.03
N SER A 133 18.31 -9.51 -2.10
CA SER A 133 19.47 -9.39 -1.23
C SER A 133 19.14 -8.35 -0.18
N VAL A 134 19.65 -8.52 1.02
CA VAL A 134 19.42 -7.57 2.09
C VAL A 134 20.72 -6.88 2.51
N PHE A 135 20.72 -5.55 2.45
CA PHE A 135 21.92 -4.78 2.79
C PHE A 135 21.60 -3.80 3.90
N PRO A 136 22.55 -3.59 4.82
CA PRO A 136 22.30 -2.67 5.93
C PRO A 136 22.35 -1.22 5.48
N LEU A 137 21.55 -0.38 6.14
CA LEU A 137 21.72 1.05 6.07
C LEU A 137 22.13 1.41 7.49
N ALA A 138 23.41 1.73 7.66
CA ALA A 138 23.99 1.86 8.99
C ALA A 138 23.93 3.30 9.50
N PRO A 139 23.54 3.48 10.77
CA PRO A 139 23.43 4.86 11.26
C PRO A 139 24.86 5.45 11.33
N SER A 140 25.00 6.76 11.37
CA SER A 140 26.33 7.38 11.43
C SER A 140 26.91 7.31 12.84
N SER A 145 21.34 13.46 12.75
CA SER A 145 20.55 14.66 12.92
C SER A 145 20.65 15.20 14.36
N GLY A 146 19.51 15.19 15.06
CA GLY A 146 19.44 15.63 16.44
C GLY A 146 19.70 14.55 17.47
N GLY A 147 18.84 14.48 18.48
CA GLY A 147 18.90 13.42 19.47
C GLY A 147 18.42 12.07 18.96
N THR A 148 18.15 11.99 17.66
CA THR A 148 17.69 10.73 17.08
C THR A 148 18.69 10.25 16.01
N ALA A 149 18.69 8.95 15.76
CA ALA A 149 19.52 8.36 14.71
C ALA A 149 18.69 7.46 13.80
N ALA A 150 19.06 7.41 12.52
CA ALA A 150 18.30 6.64 11.54
C ALA A 150 19.13 5.47 11.02
N LEU A 151 18.48 4.34 10.80
CA LEU A 151 19.15 3.16 10.25
C LEU A 151 18.09 2.34 9.53
N GLY A 152 18.53 1.40 8.69
CA GLY A 152 17.58 0.52 8.03
C GLY A 152 18.16 -0.62 7.21
N CYS A 153 17.27 -1.32 6.51
CA CYS A 153 17.67 -2.33 5.55
C CYS A 153 17.34 -1.88 4.14
N LEU A 154 18.13 -2.32 3.17
CA LEU A 154 17.81 -2.11 1.77
C LEU A 154 17.52 -3.50 1.22
N VAL A 155 16.29 -3.71 0.76
CA VAL A 155 15.92 -5.01 0.22
C VAL A 155 15.86 -4.93 -1.30
N LYS A 156 16.85 -5.53 -1.95
CA LYS A 156 17.13 -5.26 -3.36
C LYS A 156 16.99 -6.45 -4.30
N ASP A 157 16.53 -6.15 -5.51
CA ASP A 157 16.46 -7.10 -6.63
C ASP A 157 15.63 -8.35 -6.36
N TYR A 158 14.33 -8.18 -6.16
CA TYR A 158 13.46 -9.32 -5.97
C TYR A 158 12.30 -9.25 -6.93
N PHE A 159 11.56 -10.35 -7.06
CA PHE A 159 10.39 -10.41 -7.93
C PHE A 159 9.68 -11.75 -7.75
N PRO A 160 8.34 -11.73 -7.74
CA PRO A 160 7.49 -10.54 -7.76
C PRO A 160 7.29 -9.97 -6.36
N GLU A 161 6.39 -8.99 -6.24
CA GLU A 161 5.93 -8.54 -4.93
C GLU A 161 5.10 -9.67 -4.31
N PRO A 162 4.81 -9.59 -3.00
CA PRO A 162 5.36 -8.64 -2.03
C PRO A 162 6.56 -9.14 -1.21
N VAL A 163 7.11 -8.22 -0.42
CA VAL A 163 8.10 -8.51 0.60
C VAL A 163 7.57 -7.85 1.87
N THR A 164 7.67 -8.54 3.01
CA THR A 164 7.29 -7.92 4.28
C THR A 164 8.51 -7.76 5.18
N VAL A 165 8.59 -6.62 5.86
CA VAL A 165 9.71 -6.33 6.75
C VAL A 165 9.23 -5.96 8.14
N SER A 166 9.76 -6.62 9.14
CA SER A 166 9.53 -6.23 10.53
C SER A 166 10.85 -5.96 11.24
N TRP A 167 10.76 -5.27 12.38
CA TRP A 167 11.94 -4.93 13.16
C TRP A 167 11.92 -5.56 14.53
N ASN A 168 13.00 -6.28 14.86
CA ASN A 168 13.10 -7.04 16.11
C ASN A 168 11.87 -7.93 16.31
N SER A 169 11.53 -8.69 15.27
CA SER A 169 10.41 -9.63 15.31
C SER A 169 9.07 -8.95 15.58
N GLY A 170 9.00 -7.66 15.26
CA GLY A 170 7.79 -6.87 15.42
C GLY A 170 7.69 -6.16 16.75
N ALA A 171 8.73 -6.28 17.58
CA ALA A 171 8.78 -5.58 18.86
C ALA A 171 8.91 -4.08 18.63
N LEU A 172 9.64 -3.71 17.59
CA LEU A 172 9.90 -2.30 17.29
C LEU A 172 8.98 -1.85 16.16
N THR A 173 8.02 -1.00 16.50
CA THR A 173 7.00 -0.54 15.57
C THR A 173 7.05 0.96 15.36
N SER A 174 6.90 1.74 16.44
CA SER A 174 7.03 3.18 16.32
C SER A 174 8.43 3.52 15.82
N GLY A 175 8.50 4.51 14.93
CA GLY A 175 9.76 4.92 14.34
C GLY A 175 9.97 4.36 12.94
N VAL A 176 9.21 3.31 12.60
CA VAL A 176 9.43 2.58 11.36
C VAL A 176 8.72 3.19 10.14
N HIS A 177 9.43 3.25 9.02
CA HIS A 177 8.79 3.47 7.73
C HIS A 177 9.30 2.41 6.76
N THR A 178 8.38 1.65 6.18
CA THR A 178 8.75 0.82 5.04
C THR A 178 8.17 1.44 3.78
N PHE A 179 9.03 1.69 2.81
CA PHE A 179 8.64 2.46 1.64
C PHE A 179 8.06 1.53 0.58
N PRO A 180 7.12 2.05 -0.22
CA PRO A 180 6.65 1.34 -1.41
C PRO A 180 7.82 0.88 -2.26
N ALA A 181 7.76 -0.36 -2.72
CA ALA A 181 8.82 -0.89 -3.57
C ALA A 181 8.86 -0.14 -4.89
N VAL A 182 10.04 -0.16 -5.51
CA VAL A 182 10.22 0.50 -6.80
C VAL A 182 10.65 -0.55 -7.81
N LEU A 183 10.15 -0.43 -9.04
CA LEU A 183 10.60 -1.31 -10.11
C LEU A 183 11.78 -0.69 -10.85
N GLN A 184 12.91 -1.38 -10.83
CA GLN A 184 14.12 -0.91 -11.50
C GLN A 184 14.10 -1.26 -12.99
N SER A 185 15.14 -0.81 -13.70
CA SER A 185 15.21 -1.02 -15.14
C SER A 185 15.50 -2.49 -15.44
N SER A 186 16.03 -3.20 -14.45
CA SER A 186 16.29 -4.63 -14.58
C SER A 186 14.99 -5.42 -14.67
N GLY A 187 13.94 -4.87 -14.08
CA GLY A 187 12.66 -5.56 -13.99
C GLY A 187 12.46 -6.16 -12.61
N LEU A 188 13.35 -5.80 -11.69
CA LEU A 188 13.29 -6.32 -10.32
C LEU A 188 12.95 -5.20 -9.34
N TYR A 189 12.41 -5.59 -8.19
CA TYR A 189 11.96 -4.63 -7.19
C TYR A 189 13.03 -4.33 -6.15
N SER A 190 13.00 -3.10 -5.64
CA SER A 190 13.83 -2.72 -4.51
C SER A 190 13.02 -1.86 -3.56
N LEU A 191 13.21 -2.07 -2.26
CA LEU A 191 12.63 -1.18 -1.26
C LEU A 191 13.56 -1.01 -0.08
N SER A 192 13.29 0.01 0.73
CA SER A 192 14.05 0.24 1.95
C SER A 192 13.11 0.33 3.15
N SER A 193 13.56 -0.22 4.28
CA SER A 193 12.82 -0.06 5.52
C SER A 193 13.72 0.65 6.53
N VAL A 194 13.25 1.80 7.01
CA VAL A 194 14.06 2.65 7.88
C VAL A 194 13.42 2.83 9.25
N VAL A 195 14.24 2.97 10.28
CA VAL A 195 13.73 3.29 11.60
C VAL A 195 14.58 4.39 12.24
N THR A 196 13.89 5.38 12.81
CA THR A 196 14.59 6.41 13.56
C THR A 196 14.55 5.99 15.02
N VAL A 197 15.71 6.07 15.65
CA VAL A 197 15.86 5.69 17.05
C VAL A 197 16.68 6.74 17.79
N PRO A 198 16.47 6.88 19.12
CA PRO A 198 17.38 7.71 19.91
C PRO A 198 18.84 7.31 19.69
N SER A 199 19.70 8.29 19.43
CA SER A 199 21.11 8.02 19.20
C SER A 199 21.80 7.48 20.45
N SER A 200 21.20 7.79 21.60
CA SER A 200 21.57 7.26 22.90
C SER A 200 21.62 5.72 22.96
N SER A 201 20.79 5.09 22.14
CA SER A 201 20.56 3.65 22.22
C SER A 201 21.39 2.75 21.31
N LEU A 202 22.30 3.31 20.53
CA LEU A 202 23.06 2.51 19.57
C LEU A 202 23.97 1.45 20.21
N GLY A 203 24.54 1.76 21.37
CA GLY A 203 25.33 0.78 22.11
C GLY A 203 24.46 -0.33 22.66
N THR A 204 23.45 0.09 23.43
CA THR A 204 22.54 -0.77 24.18
C THR A 204 21.72 -1.75 23.32
N GLN A 205 20.84 -1.22 22.49
CA GLN A 205 19.82 -2.02 21.82
C GLN A 205 20.21 -2.52 20.43
N THR A 206 19.84 -3.77 20.19
CA THR A 206 20.06 -4.46 18.93
C THR A 206 18.98 -4.11 17.92
N TYR A 207 19.36 -3.98 16.65
CA TYR A 207 18.37 -3.73 15.62
C TYR A 207 18.44 -4.75 14.50
N ILE A 208 17.35 -5.50 14.31
CA ILE A 208 17.36 -6.57 13.33
C ILE A 208 16.25 -6.41 12.30
N CYS A 209 16.66 -6.46 11.04
CA CYS A 209 15.77 -6.45 9.90
C CYS A 209 15.24 -7.85 9.70
N ASN A 210 13.92 -8.02 9.75
CA ASN A 210 13.34 -9.32 9.41
C ASN A 210 12.67 -9.22 8.06
N VAL A 211 13.28 -9.87 7.07
CA VAL A 211 12.80 -9.78 5.70
C VAL A 211 12.21 -11.11 5.24
N ASN A 212 11.01 -11.04 4.67
CA ASN A 212 10.34 -12.23 4.17
C ASN A 212 9.84 -12.04 2.75
N HIS A 213 10.37 -12.84 1.83
CA HIS A 213 9.84 -12.89 0.48
C HIS A 213 9.24 -14.28 0.32
N LYS A 214 7.92 -14.34 0.36
CA LYS A 214 7.22 -15.62 0.30
C LYS A 214 7.29 -16.36 -1.04
N PRO A 215 7.15 -15.66 -2.18
CA PRO A 215 7.29 -16.34 -3.46
C PRO A 215 8.54 -17.21 -3.66
N SER A 216 9.70 -16.73 -3.21
CA SER A 216 10.97 -17.48 -3.29
C SER A 216 11.40 -18.26 -2.04
N ASN A 217 10.54 -18.29 -1.02
CA ASN A 217 10.86 -18.90 0.28
C ASN A 217 12.17 -18.37 0.89
N THR A 218 12.44 -17.08 0.69
CA THR A 218 13.62 -16.46 1.26
C THR A 218 13.27 -15.60 2.50
N LYS A 219 13.79 -16.03 3.65
CA LYS A 219 13.71 -15.24 4.85
C LYS A 219 15.11 -14.86 5.36
N VAL A 220 15.26 -13.59 5.70
CA VAL A 220 16.55 -13.05 6.15
C VAL A 220 16.37 -12.21 7.40
N ASP A 221 17.19 -12.48 8.41
CA ASP A 221 17.32 -11.60 9.56
C ASP A 221 18.63 -10.83 9.40
N LYS A 222 18.53 -9.52 9.23
CA LYS A 222 19.73 -8.69 9.07
C LYS A 222 19.91 -7.78 10.28
N LYS A 223 21.02 -7.96 10.98
CA LYS A 223 21.36 -7.11 12.11
C LYS A 223 22.08 -5.84 11.67
N VAL A 224 21.49 -4.70 11.98
CA VAL A 224 22.05 -3.42 11.58
C VAL A 224 22.73 -2.72 12.75
N GLU A 225 24.00 -2.39 12.57
CA GLU A 225 24.78 -1.67 13.58
C GLU A 225 25.68 -0.66 12.88
N PRO A 226 26.01 0.45 13.57
CA PRO A 226 26.89 1.46 12.96
C PRO A 226 28.25 0.87 12.66
N LYS A 227 28.90 1.36 11.60
CA LYS A 227 30.17 0.79 11.17
C LYS A 227 31.33 1.30 12.04
N SER A 228 32.33 0.43 12.24
CA SER A 228 33.48 0.79 13.06
C SER A 228 34.72 1.04 12.20
N CYS A 229 35.24 2.26 12.43
CA CYS A 229 36.21 3.04 11.63
C CYS A 229 37.68 3.02 12.03
N ASP A 230 37.95 2.31 13.11
CA ASP A 230 39.29 1.93 13.47
C ASP A 230 39.50 0.43 13.14
N LYS A 231 40.50 -0.10 12.41
CA LYS A 231 41.78 0.35 11.73
C LYS A 231 43.12 0.78 12.36
N THR A 232 43.17 1.13 13.64
CA THR A 232 44.42 0.99 14.39
C THR A 232 44.56 -0.24 15.30
N HIS A 233 43.46 -0.98 15.50
CA HIS A 233 43.51 -1.99 16.56
C HIS A 233 44.39 -3.14 16.12
N SER B 1 -28.09 -1.86 -19.39
CA SER B 1 -26.64 -1.75 -19.35
C SER B 1 -26.13 -1.48 -17.93
N ASP B 2 -24.82 -1.51 -17.76
CA ASP B 2 -24.21 -1.37 -16.44
C ASP B 2 -24.38 0.05 -15.88
N ILE B 3 -24.60 0.15 -14.57
CA ILE B 3 -24.76 1.43 -13.91
C ILE B 3 -23.39 2.03 -13.58
N GLN B 4 -23.22 3.31 -13.89
CA GLN B 4 -21.98 4.01 -13.56
C GLN B 4 -22.14 4.89 -12.33
N MET B 5 -21.20 4.78 -11.39
CA MET B 5 -21.16 5.66 -10.24
C MET B 5 -20.04 6.68 -10.44
N THR B 6 -20.41 7.94 -10.64
CA THR B 6 -19.42 8.99 -10.89
C THR B 6 -19.19 9.81 -9.63
N GLN B 7 -18.00 9.65 -9.07
CA GLN B 7 -17.68 10.17 -7.76
C GLN B 7 -16.74 11.36 -7.92
N SER B 8 -16.96 12.41 -7.13
CA SER B 8 -16.13 13.60 -7.20
C SER B 8 -15.98 14.25 -5.83
N PRO B 9 -14.87 14.97 -5.61
CA PRO B 9 -13.73 15.13 -6.51
C PRO B 9 -12.86 13.88 -6.55
N SER B 10 -11.99 13.78 -7.55
CA SER B 10 -10.96 12.74 -7.58
C SER B 10 -10.14 12.77 -6.29
N SER B 11 -9.74 13.97 -5.87
CA SER B 11 -9.01 14.12 -4.61
C SER B 11 -9.30 15.46 -3.97
N LEU B 12 -9.06 15.54 -2.66
CA LEU B 12 -9.20 16.80 -1.94
C LEU B 12 -8.26 16.85 -0.74
N SER B 13 -7.93 18.06 -0.33
CA SER B 13 -7.14 18.27 0.88
C SER B 13 -7.89 19.24 1.78
N ALA B 14 -7.94 18.92 3.07
CA ALA B 14 -8.69 19.72 4.03
C ALA B 14 -8.05 19.57 5.40
N SER B 15 -8.22 20.56 6.25
CA SER B 15 -7.53 20.56 7.54
C SER B 15 -8.35 19.85 8.59
N VAL B 16 -7.76 19.67 9.77
CA VAL B 16 -8.41 18.95 10.86
C VAL B 16 -9.62 19.78 11.31
N GLY B 17 -10.73 19.11 11.59
CA GLY B 17 -11.92 19.75 12.12
C GLY B 17 -12.90 20.25 11.08
N ASP B 18 -12.45 20.36 9.83
CA ASP B 18 -13.30 20.77 8.71
C ASP B 18 -14.42 19.78 8.40
N ARG B 19 -15.48 20.24 7.75
CA ARG B 19 -16.48 19.33 7.22
C ARG B 19 -16.14 19.07 5.77
N VAL B 20 -16.18 17.80 5.36
CA VAL B 20 -15.81 17.43 4.02
C VAL B 20 -17.01 16.70 3.42
N THR B 21 -17.34 17.04 2.18
CA THR B 21 -18.37 16.29 1.46
C THR B 21 -17.85 15.68 0.17
N ILE B 22 -18.03 14.37 0.07
CA ILE B 22 -17.72 13.64 -1.15
C ILE B 22 -19.05 13.26 -1.76
N THR B 23 -19.20 13.49 -3.06
CA THR B 23 -20.45 13.14 -3.70
C THR B 23 -20.30 12.08 -4.77
N CYS B 24 -21.39 11.34 -4.97
CA CYS B 24 -21.41 10.27 -5.95
C CYS B 24 -22.76 10.30 -6.67
N ARG B 25 -22.72 10.25 -8.00
CA ARG B 25 -23.94 10.13 -8.82
C ARG B 25 -24.05 8.91 -9.69
N ALA B 26 -25.13 8.18 -9.45
CA ALA B 26 -25.51 7.02 -10.23
C ALA B 26 -25.99 7.43 -11.63
N SER B 27 -25.57 6.68 -12.64
CA SER B 27 -25.94 6.97 -14.01
C SER B 27 -27.40 6.59 -14.26
N GLN B 28 -27.97 5.82 -13.35
CA GLN B 28 -29.36 5.41 -13.44
C GLN B 28 -29.90 5.35 -12.02
N SER B 29 -31.14 4.91 -11.86
CA SER B 29 -31.76 4.90 -10.54
C SER B 29 -31.24 3.70 -9.78
N VAL B 30 -30.57 3.96 -8.65
CA VAL B 30 -30.13 2.91 -7.74
C VAL B 30 -31.05 2.75 -6.52
N SER B 31 -32.12 3.54 -6.50
CA SER B 31 -33.18 3.47 -5.48
C SER B 31 -32.74 3.40 -4.01
N SER B 32 -31.75 4.19 -3.64
CA SER B 32 -31.18 4.22 -2.28
C SER B 32 -30.17 3.14 -1.89
N ALA B 33 -29.89 2.17 -2.77
CA ALA B 33 -28.94 1.14 -2.34
C ALA B 33 -27.55 1.61 -2.72
N VAL B 34 -26.86 2.14 -1.72
CA VAL B 34 -25.55 2.74 -1.87
C VAL B 34 -24.77 2.54 -0.59
N ALA B 35 -23.52 2.12 -0.70
CA ALA B 35 -22.67 2.01 0.47
C ALA B 35 -21.47 2.91 0.30
N TRP B 36 -20.85 3.27 1.42
CA TRP B 36 -19.60 4.01 1.40
C TRP B 36 -18.57 3.22 2.20
N TYR B 37 -17.35 3.21 1.69
CA TYR B 37 -16.25 2.47 2.29
C TYR B 37 -15.06 3.37 2.52
N GLN B 38 -14.27 3.06 3.54
CA GLN B 38 -13.00 3.71 3.78
C GLN B 38 -11.86 2.74 3.51
N GLN B 39 -10.92 3.10 2.64
CA GLN B 39 -9.76 2.24 2.43
C GLN B 39 -8.43 2.91 2.76
N LYS B 40 -7.78 2.40 3.81
CA LYS B 40 -6.43 2.78 4.16
C LYS B 40 -5.49 2.10 3.19
N PRO B 41 -4.36 2.74 2.87
CA PRO B 41 -3.40 2.20 1.89
C PRO B 41 -2.92 0.77 2.16
N GLY B 42 -3.00 -0.07 1.14
CA GLY B 42 -2.61 -1.46 1.25
C GLY B 42 -3.50 -2.35 2.09
N LYS B 43 -4.67 -1.85 2.49
CA LYS B 43 -5.53 -2.55 3.42
C LYS B 43 -6.92 -2.77 2.85
N ALA B 44 -7.66 -3.73 3.42
CA ALA B 44 -9.04 -3.96 3.00
C ALA B 44 -9.92 -2.76 3.32
N PRO B 45 -10.83 -2.41 2.39
CA PRO B 45 -11.85 -1.39 2.66
C PRO B 45 -12.74 -1.75 3.85
N LYS B 46 -13.14 -0.73 4.62
CA LYS B 46 -14.09 -0.91 5.72
C LYS B 46 -15.42 -0.22 5.45
N LEU B 47 -16.51 -0.93 5.73
CA LEU B 47 -17.85 -0.42 5.51
C LEU B 47 -18.19 0.68 6.51
N LEU B 48 -18.62 1.82 5.98
CA LEU B 48 -19.04 3.00 6.73
C LEU B 48 -20.55 3.14 6.85
N ILE B 49 -21.15 3.32 5.68
CA ILE B 49 -22.57 3.53 5.46
C ILE B 49 -23.04 2.35 4.62
N TYR B 50 -24.25 1.86 4.85
CA TYR B 50 -24.77 0.83 3.94
C TYR B 50 -26.05 1.03 3.15
N SER B 51 -26.99 1.84 3.59
CA SER B 51 -28.12 2.08 2.73
C SER B 51 -27.60 3.47 2.37
N ALA B 52 -28.30 4.32 1.66
CA ALA B 52 -27.77 5.68 1.51
C ALA B 52 -27.58 6.53 2.77
N SER B 53 -28.39 6.29 3.80
CA SER B 53 -28.20 6.91 5.12
C SER B 53 -27.72 6.15 6.37
N SER B 54 -27.54 4.84 6.33
CA SER B 54 -27.43 4.10 7.59
C SER B 54 -25.98 3.87 7.99
N LEU B 55 -25.72 4.00 9.29
CA LEU B 55 -24.38 3.89 9.83
C LEU B 55 -24.13 2.46 10.28
N TYR B 56 -23.01 1.90 9.82
CA TYR B 56 -22.68 0.53 10.17
C TYR B 56 -22.16 0.51 11.60
N SER B 57 -22.33 -0.63 12.27
CA SER B 57 -21.93 -0.78 13.66
C SER B 57 -20.46 -0.40 13.89
N GLY B 58 -20.22 0.41 14.91
CA GLY B 58 -18.86 0.74 15.30
C GLY B 58 -18.27 1.94 14.57
N VAL B 59 -18.95 2.38 13.52
CA VAL B 59 -18.48 3.54 12.75
C VAL B 59 -18.78 4.82 13.52
N PRO B 60 -17.78 5.71 13.63
CA PRO B 60 -17.90 6.97 14.36
C PRO B 60 -19.07 7.85 13.90
N SER B 61 -19.57 8.67 14.82
CA SER B 61 -20.68 9.59 14.55
C SER B 61 -20.38 10.65 13.49
N ARG B 62 -19.09 10.96 13.30
CA ARG B 62 -18.73 12.03 12.37
C ARG B 62 -19.00 11.68 10.92
N PHE B 63 -19.21 10.39 10.66
CA PHE B 63 -19.54 9.92 9.31
C PHE B 63 -21.05 9.85 9.14
N SER B 64 -21.56 10.49 8.10
CA SER B 64 -22.97 10.38 7.72
C SER B 64 -23.10 10.41 6.21
N GLY B 65 -24.25 9.99 5.71
CA GLY B 65 -24.53 10.08 4.29
C GLY B 65 -26.00 10.22 3.98
N SER B 66 -26.29 10.80 2.82
CA SER B 66 -27.66 11.12 2.47
C SER B 66 -27.89 11.05 0.96
N ARG B 67 -29.16 10.98 0.59
CA ARG B 67 -29.53 10.84 -0.82
C ARG B 67 -30.54 11.91 -1.25
N SER B 68 -30.30 12.51 -2.40
CA SER B 68 -31.37 13.17 -3.14
C SER B 68 -31.34 12.68 -4.59
N GLY B 69 -32.37 11.97 -4.99
CA GLY B 69 -32.45 11.44 -6.35
C GLY B 69 -31.36 10.41 -6.58
N THR B 70 -30.60 10.61 -7.65
CA THR B 70 -29.44 9.77 -7.94
C THR B 70 -28.15 10.37 -7.37
N ASP B 71 -28.26 11.52 -6.71
CA ASP B 71 -27.11 12.14 -6.07
C ASP B 71 -26.90 11.64 -4.65
N PHE B 72 -25.67 11.27 -4.32
CA PHE B 72 -25.37 10.70 -3.01
C PHE B 72 -24.17 11.42 -2.42
N THR B 73 -24.23 11.66 -1.11
CA THR B 73 -23.20 12.43 -0.43
C THR B 73 -22.71 11.73 0.83
N LEU B 74 -21.40 11.65 0.97
CA LEU B 74 -20.81 11.20 2.22
C LEU B 74 -20.28 12.44 2.94
N THR B 75 -20.49 12.50 4.24
CA THR B 75 -20.10 13.66 5.01
C THR B 75 -19.24 13.31 6.22
N ILE B 76 -18.06 13.89 6.29
CA ILE B 76 -17.24 13.81 7.50
C ILE B 76 -17.40 15.15 8.19
N SER B 77 -17.91 15.13 9.42
CA SER B 77 -18.26 16.38 10.12
C SER B 77 -17.03 17.11 10.67
N SER B 78 -16.17 16.42 11.41
CA SER B 78 -14.88 17.03 11.74
C SER B 78 -13.71 16.15 11.38
N LEU B 79 -12.96 16.56 10.37
CA LEU B 79 -11.87 15.78 9.81
C LEU B 79 -10.84 15.44 10.89
N GLN B 80 -10.43 14.19 10.97
CA GLN B 80 -9.42 13.77 11.91
C GLN B 80 -8.19 13.24 11.18
N PRO B 81 -7.04 13.29 11.85
CA PRO B 81 -5.79 12.79 11.26
C PRO B 81 -5.93 11.31 10.89
N GLU B 82 -6.87 10.58 11.48
CA GLU B 82 -7.06 9.17 11.19
C GLU B 82 -7.94 9.01 9.98
N ASP B 83 -8.56 10.10 9.53
CA ASP B 83 -9.43 10.03 8.37
C ASP B 83 -8.77 9.97 7.00
N PHE B 84 -7.45 10.10 6.97
CA PHE B 84 -6.73 9.97 5.71
C PHE B 84 -7.00 8.59 5.12
N ALA B 85 -7.44 8.57 3.87
CA ALA B 85 -7.86 7.34 3.21
C ALA B 85 -8.39 7.66 1.83
N THR B 86 -8.70 6.61 1.06
CA THR B 86 -9.53 6.76 -0.11
C THR B 86 -10.96 6.30 0.21
N TYR B 87 -11.94 7.05 -0.29
CA TYR B 87 -13.34 6.81 0.00
C TYR B 87 -14.12 6.45 -1.27
N TYR B 88 -14.82 5.31 -1.23
CA TYR B 88 -15.49 4.78 -2.40
C TYR B 88 -16.98 4.61 -2.13
N CYS B 89 -17.81 4.95 -3.11
CA CYS B 89 -19.20 4.53 -3.05
C CYS B 89 -19.37 3.23 -3.82
N GLN B 90 -20.54 2.61 -3.69
CA GLN B 90 -20.91 1.48 -4.52
C GLN B 90 -22.43 1.33 -4.56
N GLN B 91 -22.96 0.89 -5.70
CA GLN B 91 -24.38 0.58 -5.78
C GLN B 91 -24.64 -0.93 -5.75
N SER B 92 -25.54 -1.35 -4.87
CA SER B 92 -26.03 -2.72 -4.82
C SER B 92 -27.37 -2.96 -5.52
N TYR B 93 -27.83 -1.95 -6.27
CA TYR B 93 -29.12 -2.05 -6.94
C TYR B 93 -29.17 -3.14 -8.02
N SER B 94 -28.19 -3.12 -8.92
CA SER B 94 -28.20 -4.06 -10.04
C SER B 94 -26.79 -4.52 -10.42
N TYR B 95 -26.62 -5.82 -10.63
CA TYR B 95 -25.31 -6.38 -11.02
C TYR B 95 -24.88 -5.90 -12.40
N PRO B 96 -23.57 -5.62 -12.56
CA PRO B 96 -22.51 -5.71 -11.55
C PRO B 96 -22.59 -4.57 -10.54
N TYR B 97 -22.11 -4.78 -9.31
CA TYR B 97 -22.30 -3.76 -8.31
C TYR B 97 -21.13 -2.80 -8.38
N THR B 98 -21.35 -1.65 -8.99
CA THR B 98 -20.25 -0.82 -9.46
C THR B 98 -19.77 0.16 -8.40
N PHE B 99 -18.45 0.35 -8.36
CA PHE B 99 -17.81 1.31 -7.45
C PHE B 99 -17.59 2.63 -8.18
N GLY B 100 -17.64 3.74 -7.44
CA GLY B 100 -17.12 5.00 -7.93
C GLY B 100 -15.59 4.91 -7.94
N GLN B 101 -14.95 5.76 -8.71
CA GLN B 101 -13.50 5.69 -8.94
C GLN B 101 -12.71 6.07 -7.65
N GLY B 102 -13.35 6.72 -6.69
CA GLY B 102 -12.74 7.00 -5.39
C GLY B 102 -12.28 8.43 -5.13
N THR B 103 -12.14 8.76 -3.84
CA THR B 103 -11.67 10.07 -3.43
C THR B 103 -10.63 9.97 -2.32
N LYS B 104 -9.41 10.39 -2.63
CA LYS B 104 -8.36 10.41 -1.63
C LYS B 104 -8.33 11.71 -0.87
N VAL B 105 -8.36 11.59 0.46
CA VAL B 105 -8.48 12.73 1.35
C VAL B 105 -7.15 12.92 2.07
N GLU B 106 -6.44 13.98 1.72
CA GLU B 106 -5.23 14.33 2.44
C GLU B 106 -5.59 15.29 3.57
N ILE B 107 -4.95 15.10 4.71
CA ILE B 107 -5.10 15.99 5.84
C ILE B 107 -4.03 17.09 5.98
N LYS B 108 -4.45 18.35 5.79
CA LYS B 108 -3.55 19.48 6.04
C LYS B 108 -3.03 19.58 7.45
N ARG B 109 -1.77 19.97 7.56
CA ARG B 109 -1.14 20.23 8.83
C ARG B 109 -0.14 21.35 8.64
N THR B 110 0.52 21.76 9.71
CA THR B 110 1.47 22.86 9.61
C THR B 110 2.74 22.34 8.95
N VAL B 111 3.37 23.23 8.18
CA VAL B 111 4.58 22.89 7.45
C VAL B 111 5.62 22.29 8.37
N ALA B 112 6.31 21.26 7.90
CA ALA B 112 7.38 20.62 8.67
C ALA B 112 8.55 20.30 7.76
N ALA B 113 9.76 20.49 8.28
CA ALA B 113 10.96 20.28 7.47
C ALA B 113 11.43 18.83 7.53
N PRO B 114 11.91 18.32 6.40
CA PRO B 114 12.45 16.95 6.37
C PRO B 114 13.75 16.85 7.15
N SER B 115 13.87 15.83 8.00
CA SER B 115 15.17 15.48 8.55
C SER B 115 15.90 14.63 7.51
N VAL B 116 17.09 15.07 7.11
CA VAL B 116 17.78 14.40 6.01
C VAL B 116 18.92 13.52 6.50
N PHE B 117 18.99 12.31 5.96
CA PHE B 117 20.07 11.38 6.26
C PHE B 117 20.59 10.84 4.94
N ILE B 118 21.84 10.39 4.93
CA ILE B 118 22.40 9.77 3.74
C ILE B 118 23.20 8.51 4.09
N PHE B 119 22.97 7.44 3.33
CA PHE B 119 23.56 6.14 3.63
C PHE B 119 24.50 5.67 2.54
N PRO B 120 25.78 5.46 2.90
CA PRO B 120 26.75 4.96 1.92
C PRO B 120 26.50 3.48 1.66
N PRO B 121 27.00 2.95 0.53
CA PRO B 121 26.78 1.53 0.25
C PRO B 121 27.43 0.64 1.30
N SER B 122 26.87 -0.55 1.51
CA SER B 122 27.47 -1.54 2.41
C SER B 122 28.70 -2.10 1.71
N ASP B 123 29.60 -2.69 2.47
CA ASP B 123 30.72 -3.42 1.89
C ASP B 123 30.16 -4.65 1.18
N SER B 124 29.20 -5.32 1.82
CA SER B 124 28.59 -6.54 1.29
C SER B 124 28.07 -6.34 -0.14
N GLN B 125 27.36 -5.24 -0.37
CA GLN B 125 26.81 -4.93 -1.68
C GLN B 125 27.90 -4.73 -2.72
N LEU B 126 28.95 -4.02 -2.30
CA LEU B 126 30.08 -3.69 -3.16
C LEU B 126 30.67 -4.92 -3.86
N LYS B 127 30.87 -6.01 -3.13
CA LYS B 127 31.43 -7.21 -3.75
C LYS B 127 30.50 -7.83 -4.81
N SER B 128 29.24 -7.40 -4.86
CA SER B 128 28.37 -7.86 -5.94
C SER B 128 28.63 -7.00 -7.18
N GLY B 129 29.42 -5.94 -7.00
CA GLY B 129 29.81 -5.07 -8.09
C GLY B 129 28.82 -3.95 -8.32
N THR B 130 28.03 -3.64 -7.30
CA THR B 130 27.05 -2.57 -7.39
C THR B 130 27.15 -1.69 -6.14
N ALA B 131 26.82 -0.41 -6.29
CA ALA B 131 26.80 0.50 -5.15
C ALA B 131 25.47 1.25 -5.10
N SER B 132 24.76 1.09 -4.00
CA SER B 132 23.53 1.85 -3.78
C SER B 132 23.71 2.88 -2.68
N VAL B 133 23.34 4.12 -2.97
CA VAL B 133 23.43 5.21 -2.01
C VAL B 133 22.04 5.75 -1.71
N VAL B 134 21.64 5.74 -0.45
CA VAL B 134 20.27 6.11 -0.08
C VAL B 134 20.17 7.41 0.70
N CYS B 135 19.32 8.31 0.22
CA CYS B 135 19.05 9.59 0.88
C CYS B 135 17.65 9.57 1.50
N LEU B 136 17.57 9.80 2.79
CA LEU B 136 16.31 9.71 3.52
C LEU B 136 15.77 11.07 3.93
N LEU B 137 14.54 11.36 3.50
CA LEU B 137 13.84 12.57 3.93
C LEU B 137 12.71 12.15 4.85
N ASN B 138 12.86 12.42 6.14
CA ASN B 138 11.93 11.87 7.12
C ASN B 138 10.96 12.88 7.74
N ASN B 139 9.69 12.51 7.74
CA ASN B 139 8.65 13.26 8.45
C ASN B 139 8.51 14.72 8.04
N PHE B 140 8.05 14.97 6.82
CA PHE B 140 7.89 16.35 6.37
C PHE B 140 6.49 16.64 5.85
N TYR B 141 6.29 17.89 5.42
CA TYR B 141 5.00 18.36 4.90
C TYR B 141 5.12 19.79 4.41
N PRO B 142 4.49 20.11 3.27
CA PRO B 142 3.68 19.26 2.37
C PRO B 142 4.52 18.22 1.61
N ARG B 143 3.86 17.46 0.74
CA ARG B 143 4.46 16.27 0.13
C ARG B 143 5.51 16.61 -0.93
N GLU B 144 5.34 17.73 -1.61
CA GLU B 144 6.31 18.13 -2.62
C GLU B 144 7.69 18.30 -1.99
N ALA B 145 8.72 17.80 -2.66
CA ALA B 145 10.09 17.98 -2.21
C ALA B 145 10.97 17.79 -3.42
N LYS B 146 12.27 17.99 -3.26
CA LYS B 146 13.19 17.68 -4.35
C LYS B 146 14.51 17.14 -3.84
N VAL B 147 14.97 16.07 -4.48
CA VAL B 147 16.27 15.49 -4.17
C VAL B 147 17.16 15.53 -5.37
N GLN B 148 18.34 16.11 -5.16
CA GLN B 148 19.33 16.05 -6.20
C GLN B 148 20.69 15.47 -5.74
N TRP B 149 21.12 14.42 -6.44
CA TRP B 149 22.40 13.82 -6.19
C TRP B 149 23.48 14.58 -6.92
N LYS B 150 24.61 14.74 -6.26
CA LYS B 150 25.81 15.22 -6.92
C LYS B 150 26.98 14.31 -6.57
N VAL B 151 27.69 13.84 -7.60
CA VAL B 151 28.90 13.07 -7.39
C VAL B 151 30.10 13.90 -7.85
N ASP B 152 30.91 14.34 -6.89
CA ASP B 152 31.99 15.29 -7.15
C ASP B 152 31.43 16.45 -7.96
N ASN B 153 30.35 17.06 -7.48
CA ASN B 153 29.76 18.23 -8.16
C ASN B 153 29.05 17.96 -9.49
N ALA B 154 29.23 16.76 -10.02
CA ALA B 154 28.46 16.34 -11.19
C ALA B 154 27.09 15.86 -10.77
N LEU B 155 26.09 16.51 -11.33
CA LEU B 155 24.71 16.24 -11.06
C LEU B 155 24.30 14.89 -11.66
N GLN B 156 23.66 14.04 -10.87
CA GLN B 156 23.26 12.72 -11.35
C GLN B 156 21.78 12.67 -11.78
N SER B 157 21.55 12.20 -13.00
CA SER B 157 20.19 12.12 -13.53
C SER B 157 20.00 10.80 -14.30
N GLY B 158 18.87 10.14 -14.05
CA GLY B 158 18.53 8.90 -14.72
C GLY B 158 19.02 7.65 -14.01
N ASN B 159 19.94 7.83 -13.07
CA ASN B 159 20.40 6.74 -12.21
C ASN B 159 19.78 6.61 -10.81
N SER B 160 18.75 7.40 -10.51
CA SER B 160 18.09 7.25 -9.21
C SER B 160 16.59 6.92 -9.30
N GLN B 161 16.05 6.43 -8.19
CA GLN B 161 14.60 6.25 -8.04
C GLN B 161 14.16 6.60 -6.62
N GLU B 162 12.96 7.18 -6.49
CA GLU B 162 12.44 7.52 -5.17
C GLU B 162 11.07 6.91 -4.88
N SER B 163 10.75 6.83 -3.59
CA SER B 163 9.47 6.29 -3.13
C SER B 163 8.97 7.08 -1.91
N VAL B 164 7.69 7.43 -1.90
CA VAL B 164 7.13 8.20 -0.79
C VAL B 164 6.09 7.40 0.00
N THR B 165 6.13 7.46 1.32
CA THR B 165 5.14 6.80 2.13
C THR B 165 3.81 7.54 2.06
N GLU B 166 2.71 6.85 2.41
CA GLU B 166 1.40 7.49 2.48
C GLU B 166 1.38 8.38 3.71
N GLN B 167 0.50 9.37 3.70
CA GLN B 167 0.40 10.30 4.81
C GLN B 167 0.21 9.54 6.11
N ASP B 168 0.95 9.93 7.12
CA ASP B 168 0.86 9.27 8.40
C ASP B 168 -0.50 9.65 8.99
N SER B 169 -1.15 8.71 9.68
CA SER B 169 -2.50 8.94 10.18
C SER B 169 -2.50 9.54 11.60
N LYS B 170 -1.31 9.83 12.11
CA LYS B 170 -1.20 10.53 13.38
C LYS B 170 -0.66 11.93 13.14
N ASP B 171 0.61 12.06 12.77
CA ASP B 171 1.19 13.39 12.60
C ASP B 171 0.91 14.02 11.22
N SER B 172 0.24 13.27 10.35
CA SER B 172 -0.05 13.70 8.98
C SER B 172 1.17 14.07 8.12
N THR B 173 2.33 13.48 8.42
CA THR B 173 3.54 13.77 7.67
C THR B 173 3.87 12.73 6.60
N TYR B 174 4.92 13.01 5.85
CA TYR B 174 5.37 12.16 4.76
C TYR B 174 6.84 11.80 4.95
N SER B 175 7.29 10.77 4.27
CA SER B 175 8.70 10.40 4.30
C SER B 175 9.10 9.97 2.90
N LEU B 176 10.33 10.31 2.52
CA LEU B 176 10.80 10.02 1.18
C LEU B 176 12.12 9.26 1.24
N SER B 177 12.31 8.39 0.25
CA SER B 177 13.54 7.62 0.14
C SER B 177 14.01 7.67 -1.30
N SER B 178 15.26 8.06 -1.50
CA SER B 178 15.85 8.13 -2.84
C SER B 178 17.11 7.28 -2.89
N THR B 179 17.23 6.47 -3.94
CA THR B 179 18.38 5.60 -4.10
C THR B 179 19.14 5.89 -5.38
N LEU B 180 20.42 6.20 -5.23
CA LEU B 180 21.33 6.34 -6.36
C LEU B 180 22.10 5.04 -6.55
N THR B 181 22.02 4.47 -7.75
CA THR B 181 22.70 3.22 -8.05
C THR B 181 23.87 3.44 -9.00
N LEU B 182 25.00 2.82 -8.68
CA LEU B 182 26.18 2.91 -9.55
C LEU B 182 26.85 1.56 -9.64
N SER B 183 27.58 1.34 -10.73
CA SER B 183 28.53 0.24 -10.75
C SER B 183 29.58 0.53 -9.69
N LYS B 184 30.13 -0.52 -9.09
CA LYS B 184 31.20 -0.34 -8.11
C LYS B 184 32.35 0.45 -8.74
N ALA B 185 32.70 0.07 -9.97
CA ALA B 185 33.76 0.72 -10.71
C ALA B 185 33.60 2.24 -10.69
N ASP B 186 32.43 2.72 -11.11
CA ASP B 186 32.16 4.15 -11.10
C ASP B 186 32.12 4.71 -9.68
N TYR B 187 31.69 3.87 -8.72
CA TYR B 187 31.64 4.29 -7.32
C TYR B 187 33.03 4.60 -6.79
N GLU B 188 33.98 3.71 -7.08
CA GLU B 188 35.32 3.82 -6.52
C GLU B 188 36.17 4.79 -7.31
N LYS B 189 35.61 5.32 -8.40
CA LYS B 189 36.30 6.31 -9.18
C LYS B 189 36.04 7.75 -8.77
N HIS B 190 35.30 7.92 -7.68
CA HIS B 190 34.89 9.24 -7.20
C HIS B 190 34.94 9.37 -5.70
N LYS B 191 34.85 10.61 -5.22
CA LYS B 191 35.05 10.92 -3.81
C LYS B 191 33.81 11.41 -3.05
N VAL B 192 33.25 12.56 -3.43
CA VAL B 192 32.16 13.15 -2.65
C VAL B 192 30.76 12.76 -3.15
N TYR B 193 30.00 12.09 -2.31
CA TYR B 193 28.63 11.70 -2.61
C TYR B 193 27.66 12.49 -1.74
N ALA B 194 26.81 13.26 -2.38
CA ALA B 194 25.93 14.20 -1.69
C ALA B 194 24.48 14.13 -2.17
N CYS B 195 23.53 14.46 -1.30
CA CYS B 195 22.16 14.68 -1.74
C CYS B 195 21.66 16.02 -1.21
N GLU B 196 21.09 16.80 -2.11
CA GLU B 196 20.60 18.13 -1.77
C GLU B 196 19.08 18.15 -1.75
N VAL B 197 18.52 18.61 -0.65
CA VAL B 197 17.07 18.57 -0.45
C VAL B 197 16.40 19.95 -0.52
N THR B 198 15.50 20.16 -1.49
CA THR B 198 14.69 21.38 -1.55
C THR B 198 13.24 21.15 -1.05
N HIS B 199 12.82 21.92 -0.04
CA HIS B 199 11.46 21.89 0.50
C HIS B 199 11.07 23.22 1.15
N GLN B 200 9.77 23.49 1.36
CA GLN B 200 9.35 24.77 1.95
C GLN B 200 9.74 25.04 3.42
N GLY B 201 9.74 23.97 4.19
CA GLY B 201 10.08 24.15 5.58
C GLY B 201 11.58 24.42 5.69
N LEU B 202 12.31 24.31 4.58
CA LEU B 202 13.72 24.65 4.58
C LEU B 202 13.94 26.04 4.00
N SER B 203 14.39 26.98 4.84
CA SER B 203 14.68 28.35 4.39
C SER B 203 15.72 28.34 3.27
N SER B 204 16.66 27.40 3.37
CA SER B 204 17.64 27.17 2.32
CA SER B 204 17.65 27.18 2.32
C SER B 204 17.89 25.68 2.20
N PRO B 205 18.17 25.20 0.97
CA PRO B 205 18.39 23.77 0.73
C PRO B 205 19.41 23.15 1.69
N VAL B 206 19.18 21.89 2.05
CA VAL B 206 20.08 21.15 2.92
C VAL B 206 20.86 20.15 2.08
N THR B 207 22.13 19.95 2.42
CA THR B 207 22.95 18.98 1.72
C THR B 207 23.53 18.03 2.75
N LYS B 208 23.51 16.74 2.44
CA LYS B 208 24.10 15.74 3.31
C LYS B 208 24.98 14.84 2.48
N SER B 209 26.26 14.84 2.81
CA SER B 209 27.26 14.19 1.97
C SER B 209 28.15 13.22 2.70
N PHE B 210 28.83 12.38 1.93
CA PHE B 210 29.95 11.63 2.45
C PHE B 210 31.04 11.57 1.40
N ASN B 211 32.24 11.19 1.85
CA ASN B 211 33.39 10.99 1.00
C ASN B 211 33.76 9.52 1.01
N ARG B 212 33.95 8.92 -0.16
CA ARG B 212 34.19 7.49 -0.30
C ARG B 212 35.50 7.10 0.40
N GLY B 213 35.52 6.01 1.17
CA GLY B 213 36.77 5.65 1.83
C GLY B 213 37.05 6.47 3.08
N GLU B 214 36.00 7.15 3.53
CA GLU B 214 36.00 7.90 4.79
C GLU B 214 35.38 7.18 5.96
N CYS B 215 36.22 6.74 6.88
CA CYS B 215 35.71 5.90 7.98
C CYS B 215 34.99 4.63 7.47
#